data_7PD5
#
_entry.id   7PD5
#
_cell.length_a   100.272
_cell.length_b   100.272
_cell.length_c   123.880
_cell.angle_alpha   90.000
_cell.angle_beta   90.000
_cell.angle_gamma   90.000
#
_symmetry.space_group_name_H-M   'I 41'
#
loop_
_entity.id
_entity.type
_entity.pdbx_description
1 polymer 'Glucosyl-3-phosphoglycerate synthase'
2 non-polymer '4-AMINOBENZOIC ACID'
3 non-polymer 2-[BIS-(2-HYDROXY-ETHYL)-AMINO]-2-HYDROXYMETHYL-PROPANE-1,3-DIOL
4 non-polymer 'CHLORIDE ION'
5 water water
#
_entity_poly.entity_id   1
_entity_poly.type   'polypeptide(L)'
_entity_poly.pdbx_seq_one_letter_code
;MTLVPDLTATDLARHRWLTDNSWTRPTWTVAELEAAKAGRTISVVLPALNEEETVGGVVETIRPLLGGLVDELIVLDSGS
TDDTEIRAMAAGARVISREVALPEVAPQPGKGEVLWRSLAATTGDIIVFIDSDLIDPDPMFVPKLVGPLLLSEGVHLVKG
FYRRPLKTSGSEDAHGGGRVTELVARPLLAALRPELTCVLQPLGGEYAGTRELLMSVPFAPGYGVEIGLLVDTYDRLGLD
AIAQVNLGVRAHRNRPLTDLAAMSRQVIATLFSRCGVPDSGVGLTQFFADGDGFSPRTSEVSLVDRPPMNTLRGKLAAAL
EHHHHHH
;
_entity_poly.pdbx_strand_id   A
#
# COMPACT_ATOMS: atom_id res chain seq x y z
N THR A 2 -18.83 -14.72 -4.04
CA THR A 2 -20.05 -15.49 -4.24
C THR A 2 -21.07 -15.22 -3.13
N LEU A 3 -22.18 -15.99 -3.15
CA LEU A 3 -23.31 -15.75 -2.26
C LEU A 3 -23.04 -16.31 -0.87
N VAL A 4 -23.06 -15.42 0.13
CA VAL A 4 -22.76 -15.75 1.53
C VAL A 4 -23.95 -15.40 2.41
N PRO A 5 -25.08 -16.09 2.30
CA PRO A 5 -26.26 -15.71 3.12
C PRO A 5 -26.14 -16.07 4.60
N ASP A 6 -25.02 -16.67 5.04
CA ASP A 6 -24.80 -16.95 6.46
C ASP A 6 -24.21 -15.76 7.20
N LEU A 7 -23.62 -14.82 6.48
CA LEU A 7 -22.97 -13.64 7.06
C LEU A 7 -23.87 -12.42 6.86
N THR A 8 -23.96 -11.59 7.90
CA THR A 8 -24.76 -10.37 7.87
C THR A 8 -23.88 -9.17 8.23
N ALA A 9 -24.36 -7.98 7.88
CA ALA A 9 -23.62 -6.77 8.25
C ALA A 9 -23.60 -6.54 9.74
N THR A 10 -24.58 -7.11 10.47
CA THR A 10 -24.64 -6.93 11.92
C THR A 10 -23.50 -7.65 12.62
N ASP A 11 -23.26 -8.93 12.28
CA ASP A 11 -22.18 -9.66 12.92
C ASP A 11 -20.81 -9.36 12.30
N LEU A 12 -20.75 -8.61 11.21
CA LEU A 12 -19.47 -8.05 10.78
C LEU A 12 -19.06 -6.88 11.67
N ALA A 13 -20.04 -6.09 12.12
CA ALA A 13 -19.78 -4.99 13.03
C ALA A 13 -19.35 -5.48 14.41
N ARG A 14 -19.66 -6.73 14.76
CA ARG A 14 -19.33 -7.29 16.06
C ARG A 14 -18.26 -8.39 15.95
N HIS A 15 -17.40 -8.29 14.93
CA HIS A 15 -16.47 -9.35 14.57
C HIS A 15 -15.24 -9.32 15.47
N ARG A 16 -14.87 -10.49 16.03
CA ARG A 16 -13.77 -10.56 17.00
C ARG A 16 -12.48 -9.96 16.46
N TRP A 17 -12.30 -9.97 15.14
CA TRP A 17 -11.10 -9.40 14.53
C TRP A 17 -10.94 -7.92 14.86
N LEU A 18 -12.05 -7.19 14.95
CA LEU A 18 -11.99 -5.77 15.28
C LEU A 18 -11.38 -5.51 16.65
N THR A 19 -11.16 -6.53 17.46
CA THR A 19 -10.56 -6.40 18.78
C THR A 19 -9.11 -6.85 18.83
N ASP A 20 -8.81 -8.01 18.26
CA ASP A 20 -7.50 -8.63 18.39
C ASP A 20 -6.52 -8.22 17.30
N ASN A 21 -7.02 -7.75 16.15
CA ASN A 21 -6.15 -7.33 15.05
C ASN A 21 -6.34 -5.86 14.68
N SER A 22 -7.01 -5.08 15.51
CA SER A 22 -7.28 -3.68 15.21
C SER A 22 -6.87 -2.85 16.42
N TRP A 23 -5.85 -2.00 16.26
CA TRP A 23 -5.31 -1.21 17.35
C TRP A 23 -5.79 0.23 17.23
N THR A 24 -6.72 0.62 18.10
N THR A 24 -6.73 0.62 18.09
CA THR A 24 -7.20 2.00 18.12
CA THR A 24 -7.19 2.01 18.09
C THR A 24 -6.22 2.93 18.83
C THR A 24 -6.20 2.92 18.82
N ARG A 25 -5.50 2.43 19.83
CA ARG A 25 -4.56 3.22 20.61
C ARG A 25 -3.27 2.45 20.80
N PRO A 26 -2.47 2.27 19.74
CA PRO A 26 -1.19 1.57 19.88
C PRO A 26 -0.27 2.30 20.85
N THR A 27 0.35 1.53 21.76
CA THR A 27 1.21 2.07 22.81
C THR A 27 2.65 1.56 22.73
N TRP A 28 3.07 1.03 21.58
CA TRP A 28 4.43 0.50 21.46
C TRP A 28 5.47 1.62 21.43
N THR A 29 6.60 1.38 22.08
CA THR A 29 7.75 2.25 21.97
C THR A 29 8.68 1.77 20.85
N VAL A 30 9.43 2.72 20.29
CA VAL A 30 10.46 2.39 19.31
C VAL A 30 11.48 1.44 19.91
N ALA A 31 11.90 1.68 21.14
CA ALA A 31 12.93 0.85 21.76
C ALA A 31 12.45 -0.58 21.91
N GLU A 32 11.19 -0.77 22.32
CA GLU A 32 10.71 -2.12 22.51
C GLU A 32 10.39 -2.80 21.19
N LEU A 33 10.06 -2.02 20.15
CA LEU A 33 9.93 -2.61 18.82
C LEU A 33 11.28 -3.03 18.29
N GLU A 34 12.28 -2.16 18.42
CA GLU A 34 13.63 -2.50 17.98
C GLU A 34 14.15 -3.73 18.71
N ALA A 35 13.78 -3.88 19.99
CA ALA A 35 14.19 -5.06 20.74
C ALA A 35 13.60 -6.33 20.17
N ALA A 36 12.45 -6.23 19.50
CA ALA A 36 11.76 -7.40 19.00
C ALA A 36 12.14 -7.74 17.56
N LYS A 37 13.04 -6.98 16.93
CA LYS A 37 13.39 -7.26 15.55
C LYS A 37 13.98 -8.66 15.41
N ALA A 38 14.80 -9.07 16.39
CA ALA A 38 15.37 -10.42 16.44
C ALA A 38 16.07 -10.79 15.14
N GLY A 39 16.78 -9.81 14.55
CA GLY A 39 17.55 -10.04 13.35
C GLY A 39 16.80 -9.78 12.07
N ARG A 40 15.49 -9.59 12.13
CA ARG A 40 14.75 -9.10 10.98
C ARG A 40 15.18 -7.67 10.70
N THR A 41 15.14 -7.30 9.43
CA THR A 41 15.43 -5.93 9.03
C THR A 41 14.16 -5.32 8.46
N ILE A 42 14.12 -3.99 8.46
CA ILE A 42 12.94 -3.24 8.04
C ILE A 42 13.35 -2.26 6.95
N SER A 43 12.69 -2.34 5.81
CA SER A 43 12.90 -1.41 4.70
C SER A 43 11.67 -0.51 4.60
N VAL A 44 11.90 0.79 4.50
CA VAL A 44 10.82 1.75 4.26
C VAL A 44 10.93 2.25 2.84
N VAL A 45 9.82 2.23 2.12
CA VAL A 45 9.76 2.59 0.71
C VAL A 45 8.71 3.68 0.53
N LEU A 46 9.11 4.77 -0.13
CA LEU A 46 8.17 5.82 -0.50
C LEU A 46 8.07 5.86 -2.01
N PRO A 47 6.96 5.45 -2.62
CA PRO A 47 6.78 5.69 -4.06
C PRO A 47 6.65 7.20 -4.30
N ALA A 48 7.14 7.66 -5.45
CA ALA A 48 7.06 9.10 -5.70
C ALA A 48 7.08 9.41 -7.20
N LEU A 49 6.08 10.17 -7.65
CA LEU A 49 6.10 10.79 -8.97
C LEU A 49 5.78 12.26 -8.77
N ASN A 50 6.78 13.13 -9.00
CA ASN A 50 6.61 14.58 -8.97
C ASN A 50 5.99 15.06 -7.66
N GLU A 51 6.71 14.82 -6.56
CA GLU A 51 6.21 15.17 -5.24
C GLU A 51 7.15 16.13 -4.53
N GLU A 52 7.70 17.10 -5.27
CA GLU A 52 8.77 17.92 -4.71
C GLU A 52 8.32 18.70 -3.48
N GLU A 53 7.03 19.05 -3.40
CA GLU A 53 6.61 19.90 -2.28
C GLU A 53 6.48 19.13 -0.98
N THR A 54 6.31 17.80 -1.03
CA THR A 54 6.03 17.04 0.19
C THR A 54 7.05 15.96 0.53
N VAL A 55 7.88 15.51 -0.43
CA VAL A 55 8.65 14.29 -0.21
C VAL A 55 9.69 14.49 0.90
N GLY A 56 10.30 15.66 0.97
CA GLY A 56 11.29 15.88 1.99
C GLY A 56 10.69 15.79 3.38
N GLY A 57 9.52 16.41 3.58
CA GLY A 57 8.87 16.38 4.87
C GLY A 57 8.47 14.99 5.32
N VAL A 58 8.13 14.11 4.37
CA VAL A 58 7.84 12.73 4.76
C VAL A 58 9.13 12.01 5.17
N VAL A 59 10.17 12.14 4.35
CA VAL A 59 11.46 11.53 4.66
C VAL A 59 11.97 11.99 6.02
N GLU A 60 11.83 13.29 6.34
CA GLU A 60 12.37 13.77 7.60
C GLU A 60 11.66 13.15 8.80
N THR A 61 10.37 12.83 8.66
CA THR A 61 9.67 12.18 9.76
C THR A 61 10.19 10.77 10.02
N ILE A 62 10.83 10.14 9.03
CA ILE A 62 11.26 8.76 9.16
C ILE A 62 12.75 8.65 9.44
N ARG A 63 13.56 9.57 8.91
CA ARG A 63 15.01 9.50 9.00
C ARG A 63 15.57 9.25 10.41
N PRO A 64 15.02 9.79 11.50
CA PRO A 64 15.64 9.50 12.81
C PRO A 64 15.59 8.02 13.20
N LEU A 65 14.73 7.22 12.58
CA LEU A 65 14.69 5.79 12.82
C LEU A 65 15.75 5.03 12.06
N LEU A 66 16.35 5.63 11.03
CA LEU A 66 17.32 4.92 10.20
C LEU A 66 18.56 4.58 11.00
N GLY A 67 18.99 3.32 10.91
CA GLY A 67 20.09 2.84 11.73
C GLY A 67 19.68 2.27 13.06
N GLY A 68 18.42 2.42 13.44
CA GLY A 68 17.92 1.78 14.64
C GLY A 68 16.78 0.87 14.23
N LEU A 69 15.55 1.35 14.41
CA LEU A 69 14.39 0.55 14.04
C LEU A 69 14.35 0.27 12.55
N VAL A 70 14.71 1.27 11.72
CA VAL A 70 14.65 1.18 10.26
C VAL A 70 16.05 0.95 9.70
N ASP A 71 16.17 0.01 8.76
CA ASP A 71 17.47 -0.35 8.21
C ASP A 71 17.73 0.26 6.83
N GLU A 72 16.67 0.54 6.07
CA GLU A 72 16.74 1.12 4.73
C GLU A 72 15.63 2.13 4.60
N LEU A 73 15.92 3.28 4.00
CA LEU A 73 14.92 4.33 3.75
C LEU A 73 15.07 4.76 2.29
N ILE A 74 14.12 4.36 1.44
CA ILE A 74 14.27 4.50 0.00
C ILE A 74 13.08 5.26 -0.56
N VAL A 75 13.36 6.24 -1.41
CA VAL A 75 12.34 6.84 -2.27
C VAL A 75 12.48 6.19 -3.63
N LEU A 76 11.42 5.56 -4.10
CA LEU A 76 11.46 4.92 -5.42
C LEU A 76 10.88 5.90 -6.42
N ASP A 77 11.76 6.55 -7.18
CA ASP A 77 11.31 7.64 -8.04
C ASP A 77 10.77 7.08 -9.34
N SER A 78 9.63 7.61 -9.77
CA SER A 78 8.89 7.04 -10.88
C SER A 78 9.01 7.88 -12.14
N GLY A 79 10.13 8.58 -12.32
CA GLY A 79 10.31 9.44 -13.48
C GLY A 79 9.97 10.89 -13.24
N SER A 80 10.21 11.39 -12.04
CA SER A 80 9.86 12.77 -11.73
C SER A 80 10.65 13.74 -12.59
N THR A 81 9.99 14.82 -13.02
CA THR A 81 10.67 15.90 -13.71
C THR A 81 10.85 17.13 -12.84
N ASP A 82 10.31 17.15 -11.63
CA ASP A 82 10.52 18.25 -10.72
C ASP A 82 11.74 17.92 -9.84
N ASP A 83 11.86 18.56 -8.67
CA ASP A 83 13.01 18.35 -7.81
C ASP A 83 12.78 17.27 -6.76
N THR A 84 11.86 16.33 -7.00
CA THR A 84 11.57 15.25 -6.06
C THR A 84 12.85 14.53 -5.61
N GLU A 85 13.70 14.19 -6.56
CA GLU A 85 14.84 13.35 -6.27
C GLU A 85 15.85 14.05 -5.36
N ILE A 86 16.31 15.24 -5.77
CA ILE A 86 17.32 15.93 -4.97
C ILE A 86 16.78 16.31 -3.59
N ARG A 87 15.47 16.59 -3.49
CA ARG A 87 14.91 16.93 -2.20
C ARG A 87 14.82 15.71 -1.28
N ALA A 88 14.51 14.54 -1.84
CA ALA A 88 14.53 13.33 -1.03
C ALA A 88 15.93 13.02 -0.54
N MET A 89 16.93 13.16 -1.41
CA MET A 89 18.33 12.95 -1.02
C MET A 89 18.74 13.94 0.05
N ALA A 90 18.44 15.22 -0.20
CA ALA A 90 18.77 16.27 0.75
C ALA A 90 18.09 16.07 2.10
N ALA A 91 17.00 15.31 2.14
CA ALA A 91 16.33 14.99 3.40
C ALA A 91 16.87 13.73 4.07
N GLY A 92 17.75 12.99 3.39
CA GLY A 92 18.44 11.88 4.01
C GLY A 92 17.98 10.52 3.53
N ALA A 93 17.25 10.45 2.42
CA ALA A 93 16.80 9.20 1.84
C ALA A 93 17.67 8.79 0.67
N ARG A 94 17.76 7.48 0.45
CA ARG A 94 18.34 6.96 -0.77
C ARG A 94 17.26 6.99 -1.86
N VAL A 95 17.62 7.44 -3.06
CA VAL A 95 16.67 7.54 -4.16
C VAL A 95 17.05 6.54 -5.25
N ILE A 96 16.09 5.71 -5.65
CA ILE A 96 16.32 4.68 -6.66
C ILE A 96 15.24 4.83 -7.74
N SER A 97 15.66 4.95 -9.00
CA SER A 97 14.72 5.04 -10.11
C SER A 97 14.14 3.65 -10.43
N ARG A 98 13.05 3.65 -11.20
CA ARG A 98 12.45 2.37 -11.59
C ARG A 98 13.45 1.53 -12.37
N GLU A 99 14.24 2.18 -13.24
CA GLU A 99 15.18 1.45 -14.07
C GLU A 99 16.28 0.81 -13.23
N VAL A 100 16.81 1.55 -12.24
CA VAL A 100 17.87 1.01 -11.40
C VAL A 100 17.33 -0.09 -10.49
N ALA A 101 16.06 0.00 -10.08
CA ALA A 101 15.48 -1.05 -9.26
C ALA A 101 15.50 -2.40 -9.98
N LEU A 102 15.28 -2.38 -11.29
CA LEU A 102 15.14 -3.62 -12.06
C LEU A 102 15.45 -3.31 -13.51
N PRO A 103 16.72 -3.19 -13.90
CA PRO A 103 17.04 -2.66 -15.24
C PRO A 103 16.75 -3.62 -16.38
N GLU A 104 16.50 -4.90 -16.11
CA GLU A 104 16.24 -5.86 -17.19
C GLU A 104 14.86 -5.69 -17.81
N VAL A 105 13.95 -4.99 -17.14
CA VAL A 105 12.54 -4.91 -17.51
C VAL A 105 12.17 -3.46 -17.68
N ALA A 106 11.58 -3.12 -18.83
CA ALA A 106 11.18 -1.75 -19.10
C ALA A 106 10.01 -1.32 -18.21
N PRO A 107 10.01 -0.07 -17.71
CA PRO A 107 8.93 0.37 -16.80
C PRO A 107 7.57 0.42 -17.49
N GLN A 108 6.49 -0.16 -16.78
CA GLN A 108 5.10 0.19 -17.06
C GLN A 108 4.70 1.39 -16.21
N PRO A 109 3.76 2.21 -16.66
CA PRO A 109 3.33 3.35 -15.84
C PRO A 109 2.53 2.91 -14.63
N GLY A 110 2.49 3.77 -13.63
CA GLY A 110 1.56 3.63 -12.54
C GLY A 110 2.25 3.20 -11.25
N LYS A 111 1.47 3.34 -10.16
CA LYS A 111 2.00 3.19 -8.82
C LYS A 111 2.41 1.75 -8.52
N GLY A 112 1.58 0.77 -8.87
CA GLY A 112 1.92 -0.62 -8.58
C GLY A 112 3.26 -1.04 -9.12
N GLU A 113 3.57 -0.63 -10.35
CA GLU A 113 4.89 -0.90 -10.92
C GLU A 113 5.99 -0.47 -9.97
N VAL A 114 5.82 0.71 -9.37
CA VAL A 114 6.86 1.26 -8.52
C VAL A 114 7.06 0.38 -7.29
N LEU A 115 5.94 0.00 -6.64
CA LEU A 115 6.04 -0.80 -5.42
C LEU A 115 6.57 -2.21 -5.74
N TRP A 116 6.18 -2.74 -6.89
CA TRP A 116 6.67 -4.06 -7.28
C TRP A 116 8.18 -4.03 -7.49
N ARG A 117 8.66 -3.02 -8.22
CA ARG A 117 10.10 -2.89 -8.43
C ARG A 117 10.86 -2.71 -7.12
N SER A 118 10.26 -2.03 -6.14
CA SER A 118 10.97 -1.79 -4.88
C SER A 118 11.26 -3.09 -4.13
N LEU A 119 10.52 -4.17 -4.42
CA LEU A 119 10.88 -5.47 -3.86
C LEU A 119 12.27 -5.90 -4.31
N ALA A 120 12.64 -5.60 -5.56
CA ALA A 120 13.97 -5.96 -6.04
C ALA A 120 15.06 -5.02 -5.50
N ALA A 121 14.70 -3.81 -5.10
CA ALA A 121 15.67 -2.81 -4.64
C ALA A 121 15.91 -2.85 -3.13
N THR A 122 15.05 -3.51 -2.36
CA THR A 122 15.12 -3.52 -0.91
C THR A 122 15.65 -4.87 -0.43
N THR A 123 16.09 -4.90 0.84
CA THR A 123 16.51 -6.15 1.46
C THR A 123 15.79 -6.48 2.77
N GLY A 124 14.89 -5.63 3.26
CA GLY A 124 14.26 -5.89 4.55
C GLY A 124 13.42 -7.16 4.56
N ASP A 125 13.44 -7.84 5.70
CA ASP A 125 12.46 -8.90 5.94
C ASP A 125 11.05 -8.36 6.07
N ILE A 126 10.94 -7.10 6.46
CA ILE A 126 9.68 -6.35 6.53
C ILE A 126 9.84 -5.12 5.66
N ILE A 127 8.80 -4.79 4.88
CA ILE A 127 8.81 -3.63 4.01
C ILE A 127 7.61 -2.77 4.39
N VAL A 128 7.86 -1.48 4.62
CA VAL A 128 6.84 -0.52 4.98
C VAL A 128 6.71 0.46 3.82
N PHE A 129 5.49 0.63 3.32
CA PHE A 129 5.22 1.60 2.27
C PHE A 129 4.54 2.82 2.87
N ILE A 130 5.03 4.01 2.51
CA ILE A 130 4.48 5.29 2.98
C ILE A 130 4.38 6.23 1.78
N ASP A 131 3.19 6.81 1.57
CA ASP A 131 3.00 7.71 0.44
C ASP A 131 3.88 8.94 0.59
N SER A 132 4.39 9.45 -0.52
CA SER A 132 5.25 10.61 -0.49
C SER A 132 4.50 11.92 -0.67
N ASP A 133 3.18 11.88 -0.92
CA ASP A 133 2.42 13.11 -1.08
C ASP A 133 1.74 13.56 0.22
N LEU A 134 2.06 12.93 1.35
CA LEU A 134 1.42 13.27 2.62
C LEU A 134 1.80 14.67 3.05
N ILE A 135 0.78 15.49 3.34
CA ILE A 135 1.06 16.88 3.68
C ILE A 135 1.54 17.01 5.13
N ASP A 136 1.05 16.19 6.04
CA ASP A 136 1.45 16.27 7.45
C ASP A 136 1.72 14.88 8.01
N PRO A 137 2.81 14.23 7.59
CA PRO A 137 3.15 12.92 8.15
C PRO A 137 3.56 13.02 9.61
N ASP A 138 3.27 11.96 10.36
CA ASP A 138 3.60 11.81 11.78
C ASP A 138 4.77 10.84 11.94
N PRO A 139 5.75 11.16 12.79
CA PRO A 139 6.94 10.30 12.90
C PRO A 139 6.67 8.92 13.49
N MET A 140 5.50 8.67 14.08
CA MET A 140 5.20 7.34 14.60
C MET A 140 4.55 6.42 13.56
N PHE A 141 4.52 6.80 12.28
CA PHE A 141 3.91 5.93 11.27
C PHE A 141 4.59 4.58 11.20
N VAL A 142 5.90 4.59 10.95
CA VAL A 142 6.63 3.32 10.78
C VAL A 142 6.56 2.46 12.04
N PRO A 143 6.72 3.00 13.26
CA PRO A 143 6.58 2.15 14.45
C PRO A 143 5.21 1.52 14.57
N LYS A 144 4.16 2.30 14.32
CA LYS A 144 2.81 1.75 14.47
C LYS A 144 2.51 0.69 13.42
N LEU A 145 3.10 0.81 12.22
CA LEU A 145 2.82 -0.16 11.17
C LEU A 145 3.53 -1.48 11.41
N VAL A 146 4.72 -1.46 12.03
CA VAL A 146 5.47 -2.70 12.23
C VAL A 146 5.17 -3.35 13.56
N GLY A 147 4.41 -2.68 14.43
CA GLY A 147 4.05 -3.21 15.72
C GLY A 147 3.51 -4.63 15.64
N PRO A 148 2.39 -4.82 14.93
CA PRO A 148 1.80 -6.17 14.90
C PRO A 148 2.69 -7.20 14.23
N LEU A 149 3.55 -6.79 13.29
CA LEU A 149 4.47 -7.74 12.68
C LEU A 149 5.51 -8.20 13.67
N LEU A 150 6.05 -7.27 14.46
CA LEU A 150 7.14 -7.60 15.38
C LEU A 150 6.66 -8.25 16.67
N LEU A 151 5.45 -7.94 17.12
CA LEU A 151 5.01 -8.37 18.46
C LEU A 151 3.90 -9.41 18.41
N SER A 152 2.85 -9.17 17.61
CA SER A 152 1.82 -10.17 17.48
C SER A 152 2.36 -11.40 16.75
N GLU A 153 1.52 -12.43 16.69
CA GLU A 153 1.85 -13.67 16.00
C GLU A 153 0.89 -13.85 14.83
N GLY A 154 1.43 -14.23 13.68
CA GLY A 154 0.60 -14.57 12.55
C GLY A 154 0.13 -13.41 11.70
N VAL A 155 0.54 -12.18 11.99
CA VAL A 155 0.19 -11.05 11.16
C VAL A 155 1.27 -10.87 10.10
N HIS A 156 0.85 -10.71 8.84
CA HIS A 156 1.77 -10.47 7.75
C HIS A 156 1.48 -9.21 6.95
N LEU A 157 0.34 -8.56 7.17
CA LEU A 157 0.00 -7.31 6.50
C LEU A 157 -0.65 -6.37 7.50
N VAL A 158 -0.13 -5.16 7.62
CA VAL A 158 -0.68 -4.18 8.56
C VAL A 158 -1.12 -2.94 7.77
N LYS A 159 -2.38 -2.55 7.93
CA LYS A 159 -2.95 -1.41 7.21
C LYS A 159 -3.14 -0.26 8.18
N GLY A 160 -2.51 0.88 7.91
CA GLY A 160 -2.65 2.04 8.77
C GLY A 160 -3.82 2.91 8.37
N PHE A 161 -4.71 3.18 9.31
CA PHE A 161 -5.86 4.04 9.04
C PHE A 161 -5.78 5.33 9.85
N TYR A 162 -6.55 6.32 9.41
CA TYR A 162 -6.65 7.63 10.06
C TYR A 162 -8.06 7.85 10.57
N ARG A 163 -8.16 8.48 11.74
CA ARG A 163 -9.42 9.09 12.17
C ARG A 163 -9.60 10.43 11.46
N ARG A 164 -10.82 10.68 11.00
CA ARG A 164 -11.10 11.89 10.21
C ARG A 164 -11.72 12.99 11.06
N GLY A 177 -12.77 6.81 5.31
CA GLY A 177 -12.20 8.09 4.93
C GLY A 177 -11.79 8.16 3.46
N GLY A 178 -12.57 8.91 2.68
CA GLY A 178 -12.36 9.05 1.25
C GLY A 178 -13.60 8.64 0.47
N ARG A 179 -13.92 9.38 -0.60
CA ARG A 179 -15.10 9.04 -1.39
C ARG A 179 -14.93 7.72 -2.13
N VAL A 180 -13.73 7.45 -2.66
CA VAL A 180 -13.55 6.17 -3.33
C VAL A 180 -13.59 5.03 -2.31
N THR A 181 -12.97 5.23 -1.15
CA THR A 181 -12.99 4.19 -0.12
C THR A 181 -14.42 3.88 0.32
N GLU A 182 -15.22 4.91 0.57
CA GLU A 182 -16.52 4.71 1.21
C GLU A 182 -17.61 4.32 0.22
N LEU A 183 -17.57 4.82 -1.01
CA LEU A 183 -18.60 4.49 -1.99
C LEU A 183 -18.22 3.36 -2.92
N VAL A 184 -16.93 3.13 -3.17
CA VAL A 184 -16.49 2.11 -4.11
C VAL A 184 -15.88 0.91 -3.40
N ALA A 185 -14.77 1.11 -2.69
CA ALA A 185 -13.98 -0.05 -2.25
C ALA A 185 -14.73 -0.85 -1.20
N ARG A 186 -15.24 -0.19 -0.18
CA ARG A 186 -15.85 -0.96 0.90
C ARG A 186 -17.18 -1.59 0.47
N PRO A 187 -18.04 -0.89 -0.29
CA PRO A 187 -19.26 -1.57 -0.78
C PRO A 187 -18.96 -2.73 -1.72
N LEU A 188 -17.90 -2.66 -2.54
CA LEU A 188 -17.60 -3.80 -3.41
C LEU A 188 -17.05 -4.97 -2.60
N LEU A 189 -16.20 -4.68 -1.61
CA LEU A 189 -15.77 -5.72 -0.68
C LEU A 189 -16.95 -6.36 0.03
N ALA A 190 -17.96 -5.56 0.43
CA ALA A 190 -19.13 -6.18 1.05
C ALA A 190 -19.78 -7.18 0.09
N ALA A 191 -19.79 -6.88 -1.20
CA ALA A 191 -20.40 -7.75 -2.17
C ALA A 191 -19.53 -8.95 -2.51
N LEU A 192 -18.21 -8.78 -2.54
CA LEU A 192 -17.30 -9.79 -3.08
C LEU A 192 -16.41 -10.45 -2.03
N ARG A 193 -16.04 -9.75 -0.97
CA ARG A 193 -15.16 -10.29 0.08
C ARG A 193 -15.64 -9.76 1.43
N PRO A 194 -16.84 -10.16 1.86
CA PRO A 194 -17.50 -9.43 2.96
C PRO A 194 -16.65 -9.24 4.20
N GLU A 195 -15.87 -10.24 4.57
CA GLU A 195 -15.05 -10.12 5.78
C GLU A 195 -14.08 -8.95 5.69
N LEU A 196 -13.65 -8.58 4.49
CA LEU A 196 -12.69 -7.48 4.38
C LEU A 196 -13.31 -6.11 4.66
N THR A 197 -14.63 -6.03 4.85
CA THR A 197 -15.20 -4.75 5.23
C THR A 197 -14.79 -4.34 6.64
N CYS A 198 -14.22 -5.24 7.42
CA CYS A 198 -13.67 -4.89 8.72
C CYS A 198 -12.50 -3.93 8.61
N VAL A 199 -11.89 -3.83 7.43
CA VAL A 199 -10.75 -2.94 7.20
C VAL A 199 -11.27 -1.54 6.93
N LEU A 200 -10.83 -0.58 7.73
CA LEU A 200 -11.43 0.75 7.64
C LEU A 200 -11.05 1.46 6.34
N GLN A 201 -9.78 1.41 5.95
CA GLN A 201 -9.30 2.12 4.78
C GLN A 201 -8.51 1.13 3.91
N PRO A 202 -9.20 0.29 3.12
CA PRO A 202 -8.49 -0.71 2.29
C PRO A 202 -7.60 -0.12 1.22
N LEU A 203 -7.80 1.15 0.83
CA LEU A 203 -6.97 1.75 -0.21
C LEU A 203 -5.78 2.50 0.36
N GLY A 204 -5.57 2.47 1.67
CA GLY A 204 -4.61 3.38 2.28
C GLY A 204 -3.19 3.12 1.82
N GLY A 205 -2.42 4.20 1.70
CA GLY A 205 -1.06 4.08 1.22
C GLY A 205 -0.03 3.78 2.29
N GLU A 206 -0.42 3.69 3.55
CA GLU A 206 0.51 3.46 4.66
C GLU A 206 0.26 2.03 5.15
N TYR A 207 1.21 1.13 4.89
CA TYR A 207 1.03 -0.26 5.27
C TYR A 207 2.37 -0.99 5.22
N ALA A 208 2.43 -2.12 5.93
CA ALA A 208 3.65 -2.91 6.09
C ALA A 208 3.36 -4.38 5.82
N GLY A 209 4.35 -5.07 5.28
CA GLY A 209 4.19 -6.49 4.95
C GLY A 209 5.50 -7.23 5.09
N THR A 210 5.39 -8.54 5.33
CA THR A 210 6.59 -9.36 5.42
C THR A 210 7.08 -9.71 4.01
N ARG A 211 8.38 -9.98 3.88
CA ARG A 211 8.95 -10.12 2.54
C ARG A 211 8.40 -11.36 1.84
N GLU A 212 8.32 -12.50 2.54
CA GLU A 212 7.86 -13.73 1.89
C GLU A 212 6.48 -13.53 1.28
N LEU A 213 5.56 -12.89 2.02
CA LEU A 213 4.23 -12.60 1.47
C LEU A 213 4.32 -11.76 0.21
N LEU A 214 5.06 -10.65 0.27
CA LEU A 214 5.08 -9.69 -0.83
C LEU A 214 5.76 -10.24 -2.07
N MET A 215 6.76 -11.11 -1.91
CA MET A 215 7.44 -11.69 -3.05
C MET A 215 6.61 -12.74 -3.77
N SER A 216 5.50 -13.18 -3.19
CA SER A 216 4.80 -14.33 -3.71
C SER A 216 3.38 -13.99 -4.13
N VAL A 217 3.03 -12.70 -4.22
CA VAL A 217 1.75 -12.26 -4.75
C VAL A 217 1.99 -11.40 -5.98
N PRO A 218 1.10 -11.39 -6.96
CA PRO A 218 1.22 -10.43 -8.05
C PRO A 218 0.96 -9.02 -7.53
N PHE A 219 1.47 -8.04 -8.24
CA PHE A 219 1.19 -6.64 -7.95
C PHE A 219 0.28 -6.11 -9.03
N ALA A 220 -0.91 -5.65 -8.62
CA ALA A 220 -1.83 -4.99 -9.54
C ALA A 220 -1.20 -3.71 -10.08
N PRO A 221 -1.58 -3.29 -11.28
CA PRO A 221 -1.01 -2.07 -11.85
C PRO A 221 -1.71 -0.81 -11.32
N GLY A 222 -1.02 0.31 -11.46
CA GLY A 222 -1.64 1.60 -11.21
C GLY A 222 -2.14 1.74 -9.79
N TYR A 223 -3.30 2.39 -9.63
CA TYR A 223 -3.91 2.60 -8.33
C TYR A 223 -4.61 1.37 -7.77
N GLY A 224 -4.62 0.25 -8.50
CA GLY A 224 -5.19 -0.91 -7.87
C GLY A 224 -4.28 -1.62 -6.89
N VAL A 225 -3.03 -1.18 -6.73
CA VAL A 225 -2.03 -2.01 -6.05
C VAL A 225 -2.43 -2.31 -4.60
N GLU A 226 -2.96 -1.32 -3.86
CA GLU A 226 -3.21 -1.55 -2.45
C GLU A 226 -4.37 -2.53 -2.23
N ILE A 227 -5.47 -2.35 -2.95
CA ILE A 227 -6.59 -3.26 -2.72
C ILE A 227 -6.23 -4.65 -3.22
N GLY A 228 -5.39 -4.73 -4.26
CA GLY A 228 -4.97 -6.04 -4.76
C GLY A 228 -4.15 -6.81 -3.75
N LEU A 229 -3.26 -6.12 -3.02
CA LEU A 229 -2.49 -6.78 -1.97
C LEU A 229 -3.39 -7.22 -0.83
N LEU A 230 -4.36 -6.38 -0.46
CA LEU A 230 -5.28 -6.73 0.62
C LEU A 230 -6.05 -8.00 0.26
N VAL A 231 -6.59 -8.07 -0.96
CA VAL A 231 -7.44 -9.19 -1.33
C VAL A 231 -6.59 -10.45 -1.53
N ASP A 232 -5.41 -10.32 -2.13
CA ASP A 232 -4.52 -11.48 -2.29
C ASP A 232 -4.05 -12.00 -0.95
N THR A 233 -3.74 -11.11 0.01
CA THR A 233 -3.32 -11.57 1.32
C THR A 233 -4.46 -12.28 2.02
N TYR A 234 -5.65 -11.68 1.97
CA TYR A 234 -6.82 -12.32 2.56
C TYR A 234 -7.06 -13.70 1.95
N ASP A 235 -7.09 -13.78 0.62
CA ASP A 235 -7.33 -15.06 -0.05
C ASP A 235 -6.25 -16.06 0.32
N ARG A 236 -5.01 -15.60 0.45
CA ARG A 236 -3.92 -16.53 0.62
C ARG A 236 -3.80 -17.02 2.07
N LEU A 237 -4.00 -16.13 3.04
CA LEU A 237 -3.67 -16.37 4.44
C LEU A 237 -4.83 -16.17 5.42
N GLY A 238 -5.96 -15.62 4.98
CA GLY A 238 -7.09 -15.42 5.87
C GLY A 238 -7.04 -14.06 6.57
N LEU A 239 -8.16 -13.74 7.23
CA LEU A 239 -8.31 -12.42 7.84
C LEU A 239 -7.37 -12.22 9.02
N ASP A 240 -7.06 -13.30 9.74
CA ASP A 240 -6.17 -13.19 10.90
C ASP A 240 -4.78 -12.70 10.53
N ALA A 241 -4.34 -12.92 9.29
CA ALA A 241 -3.01 -12.47 8.89
C ALA A 241 -2.96 -10.99 8.58
N ILE A 242 -4.08 -10.28 8.67
CA ILE A 242 -4.16 -8.85 8.38
C ILE A 242 -4.47 -8.12 9.68
N ALA A 243 -3.89 -6.94 9.86
CA ALA A 243 -4.13 -6.12 11.03
C ALA A 243 -4.19 -4.66 10.59
N GLN A 244 -4.82 -3.82 11.41
CA GLN A 244 -4.86 -2.39 11.13
C GLN A 244 -4.59 -1.60 12.41
N VAL A 245 -3.95 -0.44 12.27
CA VAL A 245 -3.55 0.38 13.41
C VAL A 245 -3.90 1.84 13.13
N ASN A 246 -4.27 2.56 14.19
CA ASN A 246 -4.64 3.95 14.07
C ASN A 246 -3.37 4.80 13.99
N LEU A 247 -3.20 5.55 12.91
CA LEU A 247 -2.07 6.45 12.75
C LEU A 247 -2.34 7.86 13.26
N GLY A 248 -3.60 8.22 13.55
CA GLY A 248 -3.94 9.55 14.01
C GLY A 248 -4.85 10.28 13.03
N VAL A 249 -4.81 11.60 13.08
CA VAL A 249 -5.70 12.41 12.26
C VAL A 249 -4.98 12.81 10.98
N ARG A 250 -5.74 12.96 9.90
CA ARG A 250 -5.21 13.45 8.64
C ARG A 250 -6.35 14.05 7.83
N ALA A 251 -6.07 15.20 7.21
CA ALA A 251 -7.08 15.91 6.44
C ALA A 251 -7.27 15.26 5.07
N HIS A 252 -8.53 15.05 4.70
CA HIS A 252 -8.86 14.56 3.37
C HIS A 252 -8.42 15.58 2.32
N ARG A 253 -7.40 15.24 1.55
CA ARG A 253 -6.93 16.11 0.48
C ARG A 253 -7.96 16.13 -0.63
N ASN A 254 -8.63 17.27 -0.81
CA ASN A 254 -9.78 17.40 -1.70
C ASN A 254 -9.31 17.24 -3.15
N ARG A 255 -9.21 15.96 -3.58
CA ARG A 255 -8.85 15.62 -4.95
C ARG A 255 -10.06 15.79 -5.88
N PRO A 256 -9.81 16.11 -7.15
CA PRO A 256 -10.92 16.27 -8.10
C PRO A 256 -11.67 14.97 -8.33
N LEU A 257 -13.00 15.07 -8.40
CA LEU A 257 -13.83 13.89 -8.65
C LEU A 257 -13.45 13.21 -9.97
N THR A 258 -12.95 13.99 -10.94
CA THR A 258 -12.54 13.41 -12.22
C THR A 258 -11.37 12.45 -12.06
N ASP A 259 -10.37 12.83 -11.26
CA ASP A 259 -9.27 11.92 -10.93
C ASP A 259 -9.79 10.71 -10.17
N LEU A 260 -10.66 10.94 -9.18
CA LEU A 260 -11.19 9.85 -8.37
C LEU A 260 -11.97 8.87 -9.23
N ALA A 261 -12.63 9.34 -10.28
CA ALA A 261 -13.39 8.43 -11.14
C ALA A 261 -12.46 7.46 -11.86
N ALA A 262 -11.37 7.98 -12.42
CA ALA A 262 -10.41 7.11 -13.11
C ALA A 262 -9.78 6.13 -12.14
N MET A 263 -9.46 6.57 -10.92
CA MET A 263 -8.89 5.67 -9.92
C MET A 263 -9.90 4.59 -9.53
N SER A 264 -11.16 4.99 -9.38
CA SER A 264 -12.20 4.03 -9.06
C SER A 264 -12.29 2.94 -10.11
N ARG A 265 -12.17 3.30 -11.39
CA ARG A 265 -12.25 2.33 -12.46
C ARG A 265 -11.16 1.27 -12.33
N GLN A 266 -9.94 1.70 -11.99
CA GLN A 266 -8.83 0.75 -11.81
C GLN A 266 -9.00 -0.07 -10.54
N VAL A 267 -9.54 0.53 -9.48
CA VAL A 267 -9.87 -0.23 -8.26
C VAL A 267 -10.84 -1.36 -8.60
N ILE A 268 -11.89 -1.03 -9.35
CA ILE A 268 -12.86 -2.03 -9.79
C ILE A 268 -12.18 -3.13 -10.61
N ALA A 269 -11.38 -2.74 -11.61
CA ALA A 269 -10.72 -3.73 -12.44
C ALA A 269 -9.87 -4.68 -11.61
N THR A 270 -9.15 -4.14 -10.64
CA THR A 270 -8.25 -4.97 -9.84
C THR A 270 -9.03 -5.92 -8.94
N LEU A 271 -10.13 -5.43 -8.37
CA LEU A 271 -10.96 -6.30 -7.54
C LEU A 271 -11.64 -7.38 -8.36
N PHE A 272 -12.20 -7.01 -9.52
CA PHE A 272 -12.80 -8.00 -10.41
C PHE A 272 -11.77 -9.03 -10.85
N SER A 273 -10.54 -8.58 -11.10
CA SER A 273 -9.45 -9.47 -11.44
C SER A 273 -9.20 -10.50 -10.34
N ARG A 274 -9.26 -10.08 -9.08
CA ARG A 274 -9.00 -11.00 -7.97
C ARG A 274 -10.20 -11.87 -7.63
N CYS A 275 -11.41 -11.46 -8.01
CA CYS A 275 -12.59 -12.15 -7.52
C CYS A 275 -13.31 -12.93 -8.62
N GLY A 276 -12.64 -13.19 -9.74
CA GLY A 276 -13.24 -14.01 -10.78
C GLY A 276 -14.33 -13.32 -11.58
N VAL A 277 -14.46 -12.00 -11.45
CA VAL A 277 -15.46 -11.24 -12.19
C VAL A 277 -14.87 -10.82 -13.53
N PRO A 278 -15.50 -11.18 -14.65
CA PRO A 278 -14.97 -10.75 -15.95
C PRO A 278 -15.13 -9.25 -16.17
N ASP A 279 -14.01 -8.55 -16.21
CA ASP A 279 -13.98 -7.12 -16.50
C ASP A 279 -13.80 -6.93 -18.01
N SER A 280 -14.51 -5.95 -18.56
CA SER A 280 -14.48 -5.66 -19.99
C SER A 280 -13.11 -5.18 -20.46
N GLY A 281 -12.26 -4.72 -19.55
CA GLY A 281 -11.05 -4.01 -19.91
C GLY A 281 -11.25 -2.61 -20.47
N VAL A 282 -12.50 -2.15 -20.60
CA VAL A 282 -12.78 -0.86 -21.23
C VAL A 282 -12.56 0.28 -20.24
N GLY A 283 -11.84 1.30 -20.67
CA GLY A 283 -11.58 2.44 -19.81
C GLY A 283 -12.82 3.29 -19.58
N LEU A 284 -12.71 4.19 -18.61
CA LEU A 284 -13.81 5.05 -18.21
C LEU A 284 -13.85 6.32 -19.07
N THR A 285 -15.00 6.57 -19.68
CA THR A 285 -15.26 7.82 -20.38
C THR A 285 -16.00 8.78 -19.45
N GLN A 286 -15.63 10.05 -19.51
CA GLN A 286 -16.29 11.09 -18.75
C GLN A 286 -16.60 12.26 -19.67
N PHE A 287 -17.77 12.87 -19.49
CA PHE A 287 -18.26 13.91 -20.39
C PHE A 287 -18.43 15.21 -19.61
N PHE A 288 -17.98 16.31 -20.22
CA PHE A 288 -18.05 17.64 -19.61
C PHE A 288 -18.16 18.70 -20.69
N GLY A 293 -22.40 20.84 -27.27
CA GLY A 293 -21.99 19.45 -27.34
C GLY A 293 -21.38 18.93 -26.06
N PHE A 294 -20.62 17.83 -26.16
CA PHE A 294 -19.93 17.23 -25.02
C PHE A 294 -18.42 17.32 -25.21
N SER A 295 -17.72 17.48 -24.08
CA SER A 295 -16.27 17.37 -24.05
C SER A 295 -15.92 16.02 -23.44
N PRO A 296 -15.52 15.02 -24.23
CA PRO A 296 -15.22 13.72 -23.66
C PRO A 296 -13.81 13.62 -23.09
N ARG A 297 -13.68 12.85 -22.02
CA ARG A 297 -12.39 12.58 -21.39
C ARG A 297 -12.33 11.10 -21.04
N THR A 298 -11.33 10.41 -21.57
CA THR A 298 -11.19 8.97 -21.38
C THR A 298 -9.94 8.68 -20.57
N SER A 299 -10.00 7.60 -19.79
CA SER A 299 -8.81 7.07 -19.12
C SER A 299 -8.68 5.60 -19.48
N GLU A 300 -7.51 5.05 -19.22
CA GLU A 300 -7.30 3.63 -19.46
C GLU A 300 -7.22 2.87 -18.15
N VAL A 301 -7.44 1.56 -18.26
CA VAL A 301 -7.38 0.65 -17.14
C VAL A 301 -6.56 -0.56 -17.57
N SER A 302 -5.82 -1.14 -16.63
CA SER A 302 -4.99 -2.30 -16.91
C SER A 302 -5.52 -3.52 -16.17
N LEU A 303 -5.60 -4.64 -16.88
CA LEU A 303 -6.00 -5.91 -16.29
C LEU A 303 -4.83 -6.86 -16.12
N VAL A 304 -3.59 -6.38 -16.28
CA VAL A 304 -2.43 -7.25 -16.26
C VAL A 304 -1.59 -6.91 -15.04
N ASP A 305 -1.40 -7.90 -14.16
CA ASP A 305 -0.54 -7.78 -13.01
C ASP A 305 0.91 -7.97 -13.40
N ARG A 306 1.79 -7.42 -12.58
CA ARG A 306 3.14 -7.95 -12.51
C ARG A 306 3.09 -9.26 -11.74
N PRO A 307 3.77 -10.31 -12.22
CA PRO A 307 3.69 -11.61 -11.53
C PRO A 307 4.46 -11.55 -10.22
N PRO A 308 4.25 -12.51 -9.32
CA PRO A 308 5.07 -12.55 -8.10
C PRO A 308 6.54 -12.40 -8.42
N MET A 309 7.23 -11.56 -7.66
CA MET A 309 8.65 -11.31 -7.88
C MET A 309 9.48 -12.56 -7.69
N ASN A 310 9.04 -13.47 -6.81
CA ASN A 310 9.65 -14.78 -6.66
C ASN A 310 9.85 -15.50 -8.00
N THR A 311 8.95 -15.28 -8.97
CA THR A 311 9.09 -15.99 -10.24
C THR A 311 10.30 -15.51 -11.03
N LEU A 312 10.88 -14.37 -10.65
CA LEU A 312 12.05 -13.85 -11.36
C LEU A 312 13.38 -14.20 -10.69
N ARG A 313 13.37 -14.93 -9.58
CA ARG A 313 14.62 -15.33 -8.94
C ARG A 313 15.47 -16.16 -9.88
N GLY A 314 16.78 -15.90 -9.86
CA GLY A 314 17.70 -16.60 -10.73
C GLY A 314 18.04 -15.83 -11.99
N LYS A 315 17.06 -15.11 -12.54
CA LYS A 315 17.25 -14.34 -13.76
C LYS A 315 17.72 -12.92 -13.51
N LEU A 316 17.87 -12.50 -12.26
CA LEU A 316 18.21 -11.13 -11.94
C LEU A 316 19.71 -10.99 -11.70
N ALA A 317 20.30 -9.91 -12.23
CA ALA A 317 21.71 -9.62 -12.01
C ALA A 317 22.00 -9.17 -10.59
N ALA A 318 20.98 -8.75 -9.84
CA ALA A 318 21.07 -8.52 -8.41
C ALA A 318 20.17 -9.51 -7.70
N ALA A 319 20.72 -10.23 -6.71
CA ALA A 319 20.00 -11.29 -6.04
C ALA A 319 18.82 -10.74 -5.23
N LEU A 320 17.85 -11.62 -4.98
CA LEU A 320 16.66 -11.26 -4.23
C LEU A 320 16.64 -11.91 -2.84
#